data_9KCQ
#
_entry.id   9KCQ
#
_cell.length_a   41.957
_cell.length_b   67.747
_cell.length_c   70.737
_cell.angle_alpha   90.000
_cell.angle_beta   90.000
_cell.angle_gamma   90.000
#
_symmetry.space_group_name_H-M   'P 21 21 21'
#
loop_
_entity.id
_entity.type
_entity.pdbx_description
1 polymer Ankyrin
2 polymer "DNA (5'-D(*AP*GP*GP*GP*TP*TP*AP*GP*GP*GP*TP*TP*TP*GP*GP*GP*TP*TP*AP*GP*GP*G)-3')"
3 non-polymer 'ACETIC ACID'
4 non-polymer DI(HYDROXYETHYL)ETHER
5 non-polymer 'SODIUM ION'
6 water water
#
loop_
_entity_poly.entity_id
_entity_poly.type
_entity_poly.pdbx_seq_one_letter_code
_entity_poly.pdbx_strand_id
1 'polypeptide(L)'
;MGGSHHHHHHGSDLGKKLLEAARAGQDDEVRILMANGADVNASDKAGLTPLRLAARTGHLEIVEVLLKYGADVNATDIYG
RTPLHLAAGYGHLEIVEVLLKHGADVNANDQLGDTPLHLAAHWGHLEIVEVLLKYGADVNAQDKFGKTAFDISIDNGNED
LAEILQKLN
;
A
2 'polydeoxyribonucleotide'
;(DA)(DG)(DG)(DG)(DT)(DT)(DA)(DG)(DG)(DG)(DT)(DT)(DT)(DG)(DG)(DG)(DT)(DT)(DA)(DG)
(DG)(DG)
;
B
#
# COMPACT_ATOMS: atom_id res chain seq x y z
N ASP A 13 10.76 24.92 -4.80
CA ASP A 13 9.52 24.34 -4.24
C ASP A 13 9.18 23.04 -4.98
N LEU A 14 10.19 22.27 -5.37
CA LEU A 14 9.94 21.08 -6.22
C LEU A 14 9.26 19.94 -5.44
N GLY A 15 9.61 19.77 -4.17
CA GLY A 15 8.93 18.75 -3.35
C GLY A 15 7.43 18.98 -3.30
N LYS A 16 7.04 20.22 -3.00
CA LYS A 16 5.61 20.55 -2.93
C LYS A 16 4.98 20.24 -4.29
N LYS A 17 5.65 20.65 -5.36
CA LYS A 17 5.12 20.44 -6.73
C LYS A 17 5.01 18.94 -7.05
N LEU A 18 5.98 18.15 -6.59
CA LEU A 18 6.00 16.70 -6.89
C LEU A 18 4.84 16.03 -6.14
N LEU A 19 4.72 16.34 -4.86
CA LEU A 19 3.64 15.73 -4.05
C LEU A 19 2.29 15.99 -4.75
N GLU A 20 2.11 17.23 -5.23
CA GLU A 20 0.82 17.58 -5.85
C GLU A 20 0.62 16.76 -7.14
N ALA A 21 1.61 16.77 -8.03
CA ALA A 21 1.49 16.06 -9.32
C ALA A 21 1.25 14.57 -9.08
N ALA A 22 1.88 14.02 -8.05
CA ALA A 22 1.78 12.57 -7.80
C ALA A 22 0.37 12.23 -7.32
N ARG A 23 -0.21 13.09 -6.49
CA ARG A 23 -1.56 12.82 -5.95
C ARG A 23 -2.58 13.13 -7.04
N ALA A 24 -2.29 14.15 -7.85
CA ALA A 24 -3.23 14.58 -8.90
C ALA A 24 -3.11 13.73 -10.17
N GLY A 25 -2.07 12.89 -10.28
CA GLY A 25 -1.96 11.98 -11.44
C GLY A 25 -1.35 12.61 -12.66
N GLN A 26 -0.52 13.63 -12.49
CA GLN A 26 0.16 14.30 -13.63
C GLN A 26 1.52 13.64 -13.86
N ASP A 27 1.53 12.51 -14.55
CA ASP A 27 2.78 11.73 -14.75
C ASP A 27 3.84 12.53 -15.50
N ASP A 28 3.40 13.30 -16.49
CA ASP A 28 4.36 14.11 -17.28
C ASP A 28 5.07 15.07 -16.32
N GLU A 29 4.32 15.74 -15.46
CA GLU A 29 4.89 16.74 -14.54
C GLU A 29 5.77 16.04 -13.52
N VAL A 30 5.37 14.85 -13.08
CA VAL A 30 6.24 14.08 -12.15
C VAL A 30 7.59 13.85 -12.85
N ARG A 31 7.55 13.40 -14.10
CA ARG A 31 8.81 13.07 -14.81
C ARG A 31 9.66 14.34 -14.95
N ILE A 32 9.03 15.45 -15.29
CA ILE A 32 9.76 16.73 -15.44
C ILE A 32 10.40 17.12 -14.10
N LEU A 33 9.64 16.99 -13.01
CA LEU A 33 10.14 17.44 -11.69
C LEU A 33 11.30 16.53 -11.26
N MET A 34 11.19 15.24 -11.53
CA MET A 34 12.26 14.30 -11.17
C MET A 34 13.51 14.64 -11.99
N ALA A 35 13.33 14.98 -13.25
CA ALA A 35 14.47 15.34 -14.12
C ALA A 35 15.14 16.60 -13.59
N ASN A 36 14.38 17.43 -12.87
CA ASN A 36 14.90 18.71 -12.34
C ASN A 36 15.44 18.55 -10.92
N GLY A 37 15.51 17.31 -10.42
CA GLY A 37 16.15 17.09 -9.11
C GLY A 37 15.21 17.06 -7.92
N ALA A 38 13.92 16.88 -8.15
CA ALA A 38 12.99 16.78 -7.00
C ALA A 38 13.33 15.58 -6.12
N ASP A 39 13.17 15.73 -4.81
CA ASP A 39 13.38 14.61 -3.87
C ASP A 39 12.22 13.62 -4.06
N VAL A 40 12.54 12.41 -4.49
CA VAL A 40 11.49 11.39 -4.76
C VAL A 40 10.77 11.02 -3.47
N ASN A 41 11.44 11.22 -2.34
CA ASN A 41 10.85 10.86 -1.02
C ASN A 41 10.46 12.15 -0.28
N ALA A 42 10.22 13.21 -1.01
CA ALA A 42 9.78 14.47 -0.39
C ALA A 42 8.57 14.25 0.52
N SER A 43 8.49 15.03 1.60
CA SER A 43 7.33 14.94 2.51
C SER A 43 7.10 16.29 3.19
N ASP A 44 5.86 16.77 3.19
CA ASP A 44 5.53 18.06 3.82
C ASP A 44 4.64 17.84 5.05
N LYS A 45 3.76 16.84 4.97
CA LYS A 45 2.80 16.62 6.07
C LYS A 45 2.72 15.15 6.42
N ALA A 46 2.60 14.83 7.71
CA ALA A 46 2.33 13.45 8.17
C ALA A 46 3.23 12.36 7.55
N GLY A 47 4.47 12.70 7.18
CA GLY A 47 5.41 11.72 6.62
C GLY A 47 4.94 11.17 5.29
N LEU A 48 4.02 11.88 4.65
CA LEU A 48 3.44 11.36 3.39
C LEU A 48 4.39 11.62 2.22
N THR A 49 4.76 10.56 1.53
CA THR A 49 5.65 10.67 0.36
C THR A 49 4.81 10.61 -0.92
N PRO A 50 5.36 11.04 -2.07
CA PRO A 50 4.61 10.96 -3.32
C PRO A 50 4.14 9.52 -3.64
N LEU A 51 4.99 8.54 -3.39
CA LEU A 51 4.62 7.12 -3.66
C LEU A 51 3.43 6.72 -2.79
N ARG A 52 3.45 7.13 -1.53
CA ARG A 52 2.35 6.79 -0.61
C ARG A 52 1.05 7.48 -1.06
N LEU A 53 1.15 8.75 -1.47
CA LEU A 53 -0.06 9.47 -1.96
C LEU A 53 -0.56 8.80 -3.25
N ALA A 54 0.34 8.47 -4.16
CA ALA A 54 -0.06 7.86 -5.45
C ALA A 54 -0.66 6.46 -5.19
N ALA A 55 -0.08 5.74 -4.27
CA ALA A 55 -0.56 4.37 -3.99
C ALA A 55 -1.97 4.40 -3.37
N ARG A 56 -2.23 5.37 -2.50
CA ARG A 56 -3.57 5.46 -1.85
C ARG A 56 -4.60 5.97 -2.87
N THR A 57 -4.18 6.84 -3.76
CA THR A 57 -5.13 7.44 -4.74
CA THR A 57 -5.11 7.45 -4.75
C THR A 57 -5.43 6.62 -6.02
N GLY A 58 -4.56 5.64 -6.26
CA GLY A 58 -4.80 4.75 -7.42
C GLY A 58 -4.05 5.14 -8.69
N HIS A 59 -2.97 5.92 -8.56
CA HIS A 59 -2.20 6.39 -9.74
C HIS A 59 -1.05 5.42 -10.04
N LEU A 60 -1.34 4.37 -10.81
CA LEU A 60 -0.34 3.31 -11.09
C LEU A 60 0.89 3.84 -11.84
N GLU A 61 0.67 4.60 -12.91
CA GLU A 61 1.83 5.04 -13.73
C GLU A 61 2.79 5.86 -12.86
N ILE A 62 2.25 6.70 -12.00
CA ILE A 62 3.09 7.56 -11.11
C ILE A 62 3.84 6.66 -10.12
N VAL A 63 3.15 5.66 -9.59
CA VAL A 63 3.84 4.69 -8.70
C VAL A 63 5.03 4.11 -9.45
N GLU A 64 4.81 3.74 -10.72
CA GLU A 64 5.89 3.13 -11.53
C GLU A 64 7.02 4.14 -11.76
N VAL A 65 6.66 5.37 -12.11
CA VAL A 65 7.70 6.41 -12.36
C VAL A 65 8.50 6.64 -11.07
N LEU A 66 7.82 6.77 -9.94
CA LEU A 66 8.52 7.07 -8.67
C LEU A 66 9.47 5.92 -8.29
N LEU A 67 9.00 4.70 -8.48
CA LEU A 67 9.86 3.53 -8.13
C LEU A 67 11.10 3.55 -9.03
N LYS A 68 10.90 3.88 -10.30
CA LYS A 68 12.02 3.91 -11.27
C LYS A 68 13.02 4.99 -10.82
N TYR A 69 12.52 6.05 -10.20
CA TYR A 69 13.39 7.15 -9.73
C TYR A 69 13.89 6.88 -8.30
N GLY A 70 13.77 5.66 -7.81
CA GLY A 70 14.37 5.31 -6.51
C GLY A 70 13.49 5.49 -5.29
N ALA A 71 12.19 5.70 -5.49
CA ALA A 71 11.31 5.93 -4.33
C ALA A 71 11.47 4.81 -3.31
N ASP A 72 11.48 5.16 -2.03
CA ASP A 72 11.53 4.15 -0.94
C ASP A 72 10.20 3.41 -0.91
N VAL A 73 10.18 2.15 -1.36
CA VAL A 73 8.93 1.35 -1.45
C VAL A 73 8.35 1.14 -0.05
N ASN A 74 9.19 1.23 0.98
CA ASN A 74 8.73 0.92 2.36
C ASN A 74 8.75 2.16 3.26
N ALA A 75 8.70 3.33 2.66
CA ALA A 75 8.61 4.56 3.49
C ALA A 75 7.37 4.49 4.38
N THR A 76 7.47 5.07 5.57
CA THR A 76 6.34 5.01 6.53
C THR A 76 5.81 6.41 6.80
N ASP A 77 4.51 6.51 7.04
CA ASP A 77 3.88 7.82 7.37
C ASP A 77 3.72 7.93 8.88
N ILE A 78 3.03 8.97 9.31
CA ILE A 78 2.81 9.23 10.76
C ILE A 78 2.18 8.01 11.45
N TYR A 79 1.38 7.23 10.72
CA TYR A 79 0.69 6.06 11.34
C TYR A 79 1.48 4.77 11.08
N GLY A 80 2.69 4.90 10.54
CA GLY A 80 3.54 3.71 10.33
C GLY A 80 3.15 2.95 9.10
N ARG A 81 2.30 3.56 8.28
CA ARG A 81 1.81 2.86 7.08
C ARG A 81 2.74 3.01 5.87
N THR A 82 2.92 1.90 5.17
CA THR A 82 3.72 1.87 3.94
C THR A 82 2.78 2.04 2.75
N PRO A 83 3.33 2.36 1.55
CA PRO A 83 2.50 2.45 0.37
C PRO A 83 1.64 1.18 0.19
N LEU A 84 2.20 0.03 0.53
CA LEU A 84 1.45 -1.24 0.29
C LEU A 84 0.21 -1.30 1.21
N HIS A 85 0.35 -0.77 2.41
CA HIS A 85 -0.82 -0.72 3.33
C HIS A 85 -1.97 0.03 2.64
N LEU A 86 -1.65 1.18 2.07
CA LEU A 86 -2.70 2.04 1.50
C LEU A 86 -3.28 1.42 0.23
N ALA A 87 -2.41 0.95 -0.67
CA ALA A 87 -2.90 0.32 -1.91
C ALA A 87 -3.78 -0.90 -1.59
N ALA A 88 -3.38 -1.67 -0.57
CA ALA A 88 -4.13 -2.87 -0.21
C ALA A 88 -5.50 -2.47 0.36
N GLY A 89 -5.49 -1.51 1.27
CA GLY A 89 -6.75 -1.13 1.92
C GLY A 89 -7.69 -0.39 1.00
N TYR A 90 -7.14 0.40 0.10
CA TYR A 90 -8.00 1.23 -0.79
C TYR A 90 -8.33 0.48 -2.08
N GLY A 91 -7.93 -0.78 -2.19
CA GLY A 91 -8.37 -1.61 -3.33
C GLY A 91 -7.68 -1.37 -4.67
N HIS A 92 -6.38 -1.09 -4.65
CA HIS A 92 -5.62 -0.83 -5.89
C HIS A 92 -4.75 -2.06 -6.18
N LEU A 93 -5.34 -3.09 -6.80
CA LEU A 93 -4.60 -4.37 -6.98
C LEU A 93 -3.31 -4.20 -7.78
N GLU A 94 -3.39 -3.56 -8.94
CA GLU A 94 -2.18 -3.49 -9.79
C GLU A 94 -1.05 -2.77 -9.02
N ILE A 95 -1.37 -1.73 -8.26
CA ILE A 95 -0.33 -1.00 -7.48
C ILE A 95 0.23 -1.95 -6.42
N VAL A 96 -0.66 -2.72 -5.80
CA VAL A 96 -0.18 -3.71 -4.80
C VAL A 96 0.83 -4.62 -5.49
N GLU A 97 0.51 -5.07 -6.70
CA GLU A 97 1.39 -6.02 -7.43
C GLU A 97 2.73 -5.36 -7.80
N VAL A 98 2.69 -4.11 -8.22
CA VAL A 98 3.95 -3.42 -8.64
C VAL A 98 4.80 -3.20 -7.40
N LEU A 99 4.17 -2.76 -6.32
CA LEU A 99 4.91 -2.50 -5.08
C LEU A 99 5.59 -3.81 -4.61
N LEU A 100 4.85 -4.89 -4.64
CA LEU A 100 5.43 -6.19 -4.19
C LEU A 100 6.59 -6.63 -5.09
N LYS A 101 6.44 -6.48 -6.41
CA LYS A 101 7.53 -6.96 -7.31
C LYS A 101 8.75 -6.07 -7.12
N HIS A 102 8.56 -4.88 -6.55
CA HIS A 102 9.67 -3.93 -6.31
C HIS A 102 10.18 -4.00 -4.86
N GLY A 103 9.74 -4.97 -4.07
CA GLY A 103 10.34 -5.15 -2.74
C GLY A 103 9.54 -4.66 -1.54
N ALA A 104 8.27 -4.35 -1.76
CA ALA A 104 7.43 -3.93 -0.62
C ALA A 104 7.44 -5.00 0.47
N ASP A 105 7.50 -4.56 1.71
CA ASP A 105 7.45 -5.50 2.87
C ASP A 105 5.99 -5.96 3.05
N VAL A 106 5.73 -7.19 2.65
CA VAL A 106 4.35 -7.74 2.69
C VAL A 106 3.83 -7.83 4.13
N ASN A 107 4.73 -7.90 5.11
CA ASN A 107 4.30 -8.12 6.50
C ASN A 107 4.57 -6.89 7.37
N ALA A 108 4.73 -5.73 6.72
CA ALA A 108 4.93 -4.47 7.48
C ALA A 108 3.77 -4.24 8.46
N ASN A 109 4.11 -3.93 9.70
CA ASN A 109 3.09 -3.59 10.73
C ASN A 109 3.03 -2.07 10.90
N ASP A 110 1.83 -1.52 10.91
CA ASP A 110 1.72 -0.07 11.14
C ASP A 110 1.63 0.18 12.65
N GLN A 111 1.52 1.44 13.04
CA GLN A 111 1.54 1.77 14.48
C GLN A 111 0.21 1.35 15.13
N LEU A 112 -0.76 0.93 14.33
CA LEU A 112 -2.04 0.43 14.87
C LEU A 112 -1.99 -1.09 14.97
N GLY A 113 -0.86 -1.70 14.56
CA GLY A 113 -0.67 -3.17 14.61
C GLY A 113 -1.13 -3.89 13.36
N ASP A 114 -1.51 -3.14 12.33
CA ASP A 114 -2.08 -3.78 11.14
C ASP A 114 -1.05 -4.09 10.05
N THR A 115 -1.24 -5.22 9.40
CA THR A 115 -0.45 -5.54 8.21
C THR A 115 -1.31 -5.18 7.01
N PRO A 116 -0.75 -5.09 5.79
CA PRO A 116 -1.57 -4.88 4.60
C PRO A 116 -2.72 -5.91 4.50
N LEU A 117 -2.48 -7.15 4.93
CA LEU A 117 -3.52 -8.20 4.87
C LEU A 117 -4.71 -7.83 5.77
N HIS A 118 -4.42 -7.23 6.92
CA HIS A 118 -5.51 -6.80 7.82
C HIS A 118 -6.38 -5.74 7.11
N LEU A 119 -5.73 -4.81 6.42
CA LEU A 119 -6.49 -3.72 5.76
C LEU A 119 -7.27 -4.26 4.56
N ALA A 120 -6.63 -5.11 3.77
CA ALA A 120 -7.31 -5.71 2.61
C ALA A 120 -8.54 -6.50 3.11
N ALA A 121 -8.36 -7.18 4.24
CA ALA A 121 -9.47 -7.98 4.80
C ALA A 121 -10.59 -7.05 5.26
N HIS A 122 -10.24 -6.06 6.08
CA HIS A 122 -11.26 -5.12 6.60
C HIS A 122 -12.08 -4.52 5.48
N TRP A 123 -11.48 -4.29 4.31
CA TRP A 123 -12.20 -3.56 3.23
C TRP A 123 -12.65 -4.48 2.10
N GLY A 124 -12.56 -5.79 2.28
CA GLY A 124 -13.15 -6.75 1.32
C GLY A 124 -12.47 -6.91 -0.02
N HIS A 125 -11.16 -6.67 -0.09
CA HIS A 125 -10.39 -6.78 -1.35
C HIS A 125 -9.84 -8.20 -1.48
N LEU A 126 -10.65 -9.12 -1.99
CA LEU A 126 -10.27 -10.56 -2.04
C LEU A 126 -9.05 -10.81 -2.93
N GLU A 127 -9.02 -10.20 -4.11
CA GLU A 127 -7.90 -10.41 -5.04
C GLU A 127 -6.61 -9.93 -4.37
N ILE A 128 -6.69 -8.79 -3.68
CA ILE A 128 -5.48 -8.28 -2.97
C ILE A 128 -5.08 -9.26 -1.86
N VAL A 129 -6.06 -9.74 -1.11
CA VAL A 129 -5.75 -10.75 -0.07
C VAL A 129 -4.99 -11.92 -0.68
N GLU A 130 -5.48 -12.43 -1.81
N GLU A 130 -5.48 -12.43 -1.81
CA GLU A 130 -4.83 -13.59 -2.47
CA GLU A 130 -4.83 -13.59 -2.47
C GLU A 130 -3.41 -13.22 -2.90
C GLU A 130 -3.41 -13.22 -2.90
N VAL A 131 -3.19 -12.04 -3.53
CA VAL A 131 -1.82 -11.55 -4.01
CA VAL A 131 -1.82 -11.55 -4.01
C VAL A 131 -0.83 -11.41 -2.82
N LEU A 132 -1.39 -10.87 -1.73
CA LEU A 132 -0.54 -10.70 -0.53
C LEU A 132 -0.10 -12.08 -0.03
N LEU A 133 -1.05 -12.99 0.05
CA LEU A 133 -0.71 -14.36 0.52
C LEU A 133 0.28 -14.97 -0.46
N LYS A 134 0.07 -14.75 -1.75
CA LYS A 134 0.97 -15.29 -2.80
C LYS A 134 2.39 -14.78 -2.54
N TYR A 135 2.50 -13.55 -2.03
CA TYR A 135 3.83 -12.93 -1.80
C TYR A 135 4.31 -13.14 -0.35
N GLY A 136 3.66 -14.02 0.41
CA GLY A 136 4.21 -14.37 1.74
C GLY A 136 3.57 -13.70 2.95
N ALA A 137 2.44 -13.05 2.78
CA ALA A 137 1.74 -12.43 3.92
C ALA A 137 1.53 -13.47 5.03
N ASP A 138 1.73 -13.05 6.28
CA ASP A 138 1.52 -13.94 7.45
C ASP A 138 0.02 -14.02 7.76
N VAL A 139 -0.58 -15.16 7.46
CA VAL A 139 -2.04 -15.35 7.67
C VAL A 139 -2.38 -15.31 9.16
N ASN A 140 -1.40 -15.57 10.03
CA ASN A 140 -1.69 -15.67 11.49
C ASN A 140 -1.30 -14.38 12.21
N ALA A 141 -0.87 -13.37 11.45
CA ALA A 141 -0.50 -12.09 12.05
C ALA A 141 -1.70 -11.51 12.79
N GLN A 142 -1.48 -11.05 14.01
CA GLN A 142 -2.57 -10.48 14.82
C GLN A 142 -2.44 -8.96 14.92
N ASP A 143 -3.58 -8.28 14.86
CA ASP A 143 -3.59 -6.83 15.02
C ASP A 143 -3.49 -6.48 16.52
N LYS A 144 -3.73 -5.22 16.85
CA LYS A 144 -3.67 -4.73 18.26
C LYS A 144 -4.72 -5.44 19.12
N PHE A 145 -5.83 -5.84 18.52
CA PHE A 145 -6.91 -6.51 19.27
C PHE A 145 -6.73 -8.03 19.22
N GLY A 146 -5.58 -8.49 18.73
CA GLY A 146 -5.30 -9.92 18.70
C GLY A 146 -6.06 -10.65 17.61
N LYS A 147 -6.54 -9.91 16.61
CA LYS A 147 -7.36 -10.52 15.55
C LYS A 147 -6.55 -10.76 14.27
N THR A 148 -6.88 -11.85 13.59
CA THR A 148 -6.24 -12.18 12.31
C THR A 148 -7.17 -11.72 11.18
N ALA A 149 -6.68 -11.77 9.95
CA ALA A 149 -7.54 -11.42 8.81
C ALA A 149 -8.79 -12.31 8.82
N PHE A 150 -8.61 -13.59 9.15
CA PHE A 150 -9.76 -14.51 9.25
C PHE A 150 -10.77 -13.97 10.28
N ASP A 151 -10.26 -13.58 11.45
CA ASP A 151 -11.15 -13.04 12.50
C ASP A 151 -11.92 -11.85 11.92
N ILE A 152 -11.22 -11.01 11.19
CA ILE A 152 -11.88 -9.79 10.62
C ILE A 152 -12.99 -10.23 9.65
N SER A 153 -12.72 -11.26 8.83
CA SER A 153 -13.71 -11.74 7.84
C SER A 153 -14.98 -12.22 8.56
N ILE A 154 -14.80 -12.88 9.70
CA ILE A 154 -15.96 -13.40 10.48
C ILE A 154 -16.72 -12.21 11.05
N ASP A 155 -16.00 -11.24 11.58
CA ASP A 155 -16.65 -10.04 12.17
C ASP A 155 -17.44 -9.29 11.09
N ASN A 156 -16.92 -9.24 9.87
CA ASN A 156 -17.58 -8.45 8.80
C ASN A 156 -18.60 -9.28 8.03
N GLY A 157 -18.64 -10.59 8.29
CA GLY A 157 -19.57 -11.45 7.57
C GLY A 157 -19.15 -11.68 6.13
N ASN A 158 -17.85 -11.71 5.89
CA ASN A 158 -17.34 -11.92 4.52
C ASN A 158 -17.12 -13.41 4.28
N GLU A 159 -18.18 -14.06 3.78
CA GLU A 159 -18.11 -15.52 3.55
C GLU A 159 -16.99 -15.86 2.57
N ASP A 160 -16.89 -15.11 1.47
CA ASP A 160 -15.89 -15.40 0.42
C ASP A 160 -14.47 -15.29 0.99
N LEU A 161 -14.21 -14.25 1.77
CA LEU A 161 -12.87 -14.04 2.33
C LEU A 161 -12.59 -15.12 3.38
N ALA A 162 -13.60 -15.46 4.19
CA ALA A 162 -13.42 -16.51 5.20
C ALA A 162 -13.06 -17.84 4.51
N GLU A 163 -13.69 -18.10 3.37
CA GLU A 163 -13.43 -19.34 2.58
C GLU A 163 -11.98 -19.36 2.11
N ILE A 164 -11.48 -18.25 1.57
CA ILE A 164 -10.06 -18.14 1.15
C ILE A 164 -9.17 -18.41 2.37
N LEU A 165 -9.42 -17.72 3.49
CA LEU A 165 -8.49 -17.79 4.64
C LEU A 165 -8.63 -19.09 5.44
N GLN A 166 -9.82 -19.68 5.49
CA GLN A 166 -10.01 -21.00 6.16
C GLN A 166 -9.11 -22.02 5.48
N LYS A 167 -9.02 -21.95 4.15
CA LYS A 167 -8.22 -22.93 3.38
C LYS A 167 -6.74 -22.82 3.74
N LEU A 168 -6.31 -21.75 4.41
CA LEU A 168 -4.87 -21.55 4.70
C LEU A 168 -4.57 -21.66 6.20
N ASN A 169 -5.58 -21.50 7.05
CA ASN A 169 -5.36 -21.50 8.52
C ASN A 169 -4.45 -22.66 8.90
#